data_3PAG
#
_entry.id   3PAG
#
_cell.length_a   102.274
_cell.length_b   102.274
_cell.length_c   85.449
_cell.angle_alpha   90.00
_cell.angle_beta   90.00
_cell.angle_gamma   90.00
#
_symmetry.space_group_name_H-M   'P 41'
#
loop_
_entity.id
_entity.type
_entity.pdbx_description
1 polymer Beta-lactamase
2 non-polymer '(4R,5S)-5-[(2S,3R)-3-hydroxy-1-oxobutan-2-yl]-4-methyl-3-({(3S,5S)-5-[(sulfamoylamino)methyl]pyrrolidin-3-yl}sulfanyl)-4,5-dihydro-1H-pyrrole-2-carboxylic acid'
3 non-polymer 'SULFATE ION'
4 water water
#
_entity_poly.entity_id   1
_entity_poly.type   'polypeptide(L)'
_entity_poly.pdbx_seq_one_letter_code
;MHISSQQHEKAIKSYFDEAQTQGVIIIKEGKNLSTYGNALARANKEYVPASTFKMLNALIGLENHKATTNEIFKWDGKKR
TYPMWEKDMTLGEAMALSADPVYQELARRTGLELMQKEVKRVNFGNTNIGTQVDNFWLVGPLKITPVQEVNFADDLAHNR
LPFKLETQEEVKKMLLIKEVNGSKIYAKSGWGMGVTPQVGWLTGWVEQANGKKIPFSLNLEMKEGMSGSIRNEITYKSLE
NLGII
;
_entity_poly.pdbx_strand_id   A,B
#
# COMPACT_ATOMS: atom_id res chain seq x y z
N MET A 1 -30.97 1.24 1.12
CA MET A 1 -31.45 0.37 2.23
C MET A 1 -31.41 1.06 3.63
N HIS A 2 -32.23 0.52 4.56
CA HIS A 2 -32.71 1.22 5.76
C HIS A 2 -31.87 1.14 7.04
N ILE A 3 -30.96 0.18 7.15
CA ILE A 3 -30.16 0.03 8.37
C ILE A 3 -29.06 1.12 8.44
N SER A 4 -28.88 1.78 9.58
CA SER A 4 -27.93 2.91 9.60
C SER A 4 -26.51 2.37 9.51
N SER A 5 -25.56 3.16 9.07
CA SER A 5 -24.18 2.66 9.09
C SER A 5 -23.65 2.53 10.52
N GLN A 6 -24.20 3.33 11.44
CA GLN A 6 -23.92 3.19 12.86
C GLN A 6 -24.25 1.76 13.35
N GLN A 7 -25.43 1.27 12.99
CA GLN A 7 -25.84 -0.08 13.36
C GLN A 7 -24.97 -1.15 12.70
N HIS A 8 -24.68 -1.01 11.41
CA HIS A 8 -23.78 -1.96 10.73
C HIS A 8 -22.42 -2.00 11.45
N GLU A 9 -21.86 -0.82 11.73
CA GLU A 9 -20.52 -0.76 12.39
C GLU A 9 -20.53 -1.47 13.74
N LYS A 10 -21.56 -1.21 14.54
CA LYS A 10 -21.72 -1.77 15.87
C LYS A 10 -21.91 -3.29 15.84
N ALA A 11 -22.81 -3.77 14.98
CA ALA A 11 -22.97 -5.20 14.78
C ALA A 11 -21.66 -5.89 14.35
N ILE A 12 -20.88 -5.30 13.47
CA ILE A 12 -19.67 -6.00 13.04
C ILE A 12 -18.59 -5.97 14.12
N LYS A 13 -18.43 -4.82 14.78
CA LYS A 13 -17.59 -4.76 15.96
C LYS A 13 -17.98 -5.87 16.96
N SER A 14 -19.27 -6.08 17.18
CA SER A 14 -19.70 -7.04 18.19
C SER A 14 -19.26 -8.47 17.84
N TYR A 15 -19.19 -8.81 16.54
CA TYR A 15 -18.75 -10.17 16.19
C TYR A 15 -17.32 -10.38 16.58
N PHE A 16 -16.47 -9.37 16.41
CA PHE A 16 -15.10 -9.46 16.90
C PHE A 16 -15.07 -9.47 18.42
N ASP A 17 -15.93 -8.66 19.05
CA ASP A 17 -15.97 -8.54 20.52
C ASP A 17 -16.39 -9.85 21.14
N GLU A 18 -17.37 -10.50 20.52
CA GLU A 18 -17.90 -11.75 21.04
C GLU A 18 -16.92 -12.93 20.85
N ALA A 19 -16.04 -12.84 19.86
CA ALA A 19 -15.03 -13.88 19.67
C ALA A 19 -13.89 -13.61 20.61
N GLN A 20 -13.97 -12.49 21.33
CA GLN A 20 -12.92 -12.15 22.28
C GLN A 20 -11.57 -12.04 21.58
N THR A 21 -11.56 -11.30 20.47
CA THR A 21 -10.34 -11.06 19.75
C THR A 21 -10.30 -9.60 19.38
N GLN A 22 -9.24 -9.16 18.70
CA GLN A 22 -9.13 -7.86 18.10
C GLN A 22 -8.95 -8.10 16.62
N GLY A 23 -9.68 -7.36 15.80
CA GLY A 23 -9.64 -7.65 14.39
C GLY A 23 -10.35 -6.62 13.55
N VAL A 24 -10.13 -6.71 12.25
CA VAL A 24 -10.71 -5.82 11.26
C VAL A 24 -11.18 -6.65 10.05
N ILE A 25 -12.24 -6.24 9.38
CA ILE A 25 -12.58 -6.75 8.06
C ILE A 25 -12.67 -5.57 7.10
N ILE A 26 -11.81 -5.57 6.08
CA ILE A 26 -11.90 -4.58 5.02
C ILE A 26 -12.78 -5.12 3.88
N ILE A 27 -13.72 -4.30 3.41
CA ILE A 27 -14.57 -4.60 2.26
C ILE A 27 -14.34 -3.59 1.13
N LYS A 28 -14.17 -4.08 -0.10
CA LYS A 28 -13.99 -3.19 -1.23
C LYS A 28 -15.15 -3.26 -2.20
N GLU A 29 -15.76 -2.12 -2.46
CA GLU A 29 -16.88 -2.04 -3.38
C GLU A 29 -16.53 -1.10 -4.50
N GLY A 30 -16.29 -1.66 -5.67
CA GLY A 30 -15.73 -0.86 -6.76
C GLY A 30 -14.35 -0.43 -6.33
N LYS A 31 -14.12 0.87 -6.25
CA LYS A 31 -12.83 1.38 -5.76
C LYS A 31 -12.84 1.76 -4.28
N ASN A 32 -14.00 1.70 -3.61
CA ASN A 32 -14.14 2.21 -2.23
C ASN A 32 -13.87 1.15 -1.17
N LEU A 33 -12.89 1.40 -0.31
CA LEU A 33 -12.60 0.53 0.85
C LEU A 33 -13.43 0.89 2.05
N SER A 34 -14.00 -0.11 2.71
CA SER A 34 -14.69 0.12 3.98
C SER A 34 -14.07 -0.77 5.04
N THR A 35 -13.82 -0.19 6.22
CA THR A 35 -13.14 -0.88 7.29
C THR A 35 -14.12 -1.07 8.45
N TYR A 36 -14.30 -2.31 8.88
CA TYR A 36 -15.18 -2.62 10.01
C TYR A 36 -14.46 -3.45 11.05
N GLY A 37 -15.07 -3.62 12.23
CA GLY A 37 -14.47 -4.51 13.23
C GLY A 37 -14.26 -3.80 14.55
N ASN A 38 -13.45 -4.38 15.44
CA ASN A 38 -13.18 -3.77 16.74
C ASN A 38 -11.76 -3.23 16.92
N ALA A 39 -10.91 -3.33 15.90
CA ALA A 39 -9.63 -2.63 15.98
C ALA A 39 -9.25 -1.99 14.67
N LEU A 40 -9.93 -0.89 14.32
CA LEU A 40 -9.78 -0.36 12.96
C LEU A 40 -8.35 -0.13 12.56
N ALA A 41 -7.49 0.23 13.52
CA ALA A 41 -6.12 0.67 13.19
C ALA A 41 -5.25 -0.47 12.65
N ARG A 42 -5.69 -1.71 12.82
CA ARG A 42 -5.01 -2.83 12.18
C ARG A 42 -4.97 -2.69 10.66
N ALA A 43 -5.91 -1.92 10.07
CA ALA A 43 -6.05 -1.85 8.59
C ALA A 43 -4.74 -1.63 7.84
N ASN A 44 -3.86 -0.81 8.40
CA ASN A 44 -2.65 -0.45 7.68
C ASN A 44 -1.40 -0.88 8.44
N LYS A 45 -1.57 -1.82 9.37
CA LYS A 45 -0.45 -2.49 10.04
C LYS A 45 0.02 -3.76 9.27
N GLU A 46 1.31 -4.01 9.33
CA GLU A 46 1.94 -5.14 8.66
C GLU A 46 1.90 -6.39 9.52
N TYR A 47 1.46 -7.51 8.93
CA TYR A 47 1.46 -8.83 9.57
C TYR A 47 2.08 -9.82 8.61
N VAL A 48 2.48 -10.98 9.11
CA VAL A 48 2.98 -11.99 8.20
C VAL A 48 1.73 -12.53 7.45
N PRO A 49 1.90 -12.91 6.18
CA PRO A 49 0.76 -13.37 5.38
C PRO A 49 0.34 -14.80 5.74
N ALA A 50 1.24 -15.53 6.40
CA ALA A 50 1.01 -16.95 6.74
C ALA A 50 0.46 -17.66 5.50
N SER A 51 -0.56 -18.52 5.63
CA SER A 51 -1.07 -19.25 4.45
C SER A 51 -1.75 -18.49 3.34
N THR A 52 -2.05 -17.20 3.55
CA THR A 52 -2.61 -16.42 2.46
C THR A 52 -1.61 -16.40 1.34
N PHE A 53 -0.34 -16.60 1.65
CA PHE A 53 0.69 -16.62 0.62
C PHE A 53 0.56 -17.80 -0.33
N LYS A 54 -0.13 -18.86 0.08
CA LYS A 54 -0.39 -19.96 -0.82
C LYS A 54 -0.97 -19.51 -2.15
N MET A 55 -1.88 -18.55 -2.11
CA MET A 55 -2.43 -17.97 -3.35
C MET A 55 -1.33 -17.52 -4.28
N LEU A 56 -0.34 -16.78 -3.80
CA LEU A 56 0.67 -16.27 -4.73
C LEU A 56 1.69 -17.37 -5.08
N ASN A 57 1.96 -18.26 -4.13
CA ASN A 57 2.82 -19.39 -4.33
C ASN A 57 2.26 -20.25 -5.51
N ALA A 58 0.96 -20.57 -5.46
CA ALA A 58 0.30 -21.26 -6.58
C ALA A 58 0.39 -20.49 -7.90
N LEU A 59 0.11 -19.18 -7.92
CA LEU A 59 0.22 -18.42 -9.21
C LEU A 59 1.62 -18.57 -9.82
N ILE A 60 2.63 -18.36 -8.99
CA ILE A 60 4.01 -18.38 -9.42
C ILE A 60 4.43 -19.78 -9.88
N GLY A 61 4.06 -20.82 -9.11
CA GLY A 61 4.39 -22.18 -9.44
C GLY A 61 3.77 -22.57 -10.74
N LEU A 62 2.51 -22.19 -10.94
CA LEU A 62 1.80 -22.57 -12.14
C LEU A 62 2.32 -21.81 -13.36
N GLU A 63 2.43 -20.49 -13.23
CA GLU A 63 2.94 -19.65 -14.34
C GLU A 63 4.29 -20.20 -14.86
N ASN A 64 5.16 -20.57 -13.93
CA ASN A 64 6.52 -20.96 -14.24
C ASN A 64 6.68 -22.49 -14.47
N HIS A 65 5.56 -23.20 -14.67
CA HIS A 65 5.59 -24.65 -14.94
C HIS A 65 6.33 -25.47 -13.87
N LYS A 66 6.16 -25.11 -12.61
CA LYS A 66 6.69 -25.93 -11.55
C LYS A 66 5.70 -27.00 -11.14
N ALA A 67 4.49 -26.95 -11.67
CA ALA A 67 3.45 -27.92 -11.33
C ALA A 67 2.30 -27.75 -12.32
N THR A 68 1.39 -28.72 -12.37
CA THR A 68 0.17 -28.57 -13.14
C THR A 68 -0.95 -28.65 -12.15
N THR A 69 -2.18 -28.38 -12.56
CA THR A 69 -3.27 -28.42 -11.60
C THR A 69 -3.69 -29.86 -11.25
N ASN A 70 -3.13 -30.86 -11.92
CA ASN A 70 -3.58 -32.26 -11.74
C ASN A 70 -2.48 -33.12 -11.13
N GLU A 71 -1.29 -32.56 -11.09
CA GLU A 71 -0.12 -33.22 -10.47
C GLU A 71 -0.44 -33.61 -9.04
N ILE A 72 -0.07 -34.82 -8.64
CA ILE A 72 -0.35 -35.27 -7.29
C ILE A 72 0.95 -35.19 -6.53
N PHE A 73 0.98 -34.34 -5.51
CA PHE A 73 2.14 -34.22 -4.64
C PHE A 73 2.00 -35.35 -3.60
N LYS A 74 2.89 -36.33 -3.67
CA LYS A 74 2.84 -37.48 -2.76
C LYS A 74 3.30 -37.14 -1.36
N TRP A 75 2.54 -37.58 -0.38
CA TRP A 75 2.97 -37.60 0.98
C TRP A 75 4.24 -38.44 1.07
N ASP A 76 5.28 -37.86 1.69
CA ASP A 76 6.55 -38.57 1.83
C ASP A 76 6.54 -39.64 2.96
N GLY A 77 5.45 -39.70 3.71
CA GLY A 77 5.34 -40.70 4.78
C GLY A 77 5.90 -40.28 6.12
N LYS A 78 6.41 -39.05 6.22
CA LYS A 78 6.83 -38.52 7.51
C LYS A 78 5.64 -37.91 8.26
N LYS A 79 5.63 -38.01 9.58
CA LYS A 79 4.54 -37.45 10.37
C LYS A 79 4.40 -35.97 10.08
N ARG A 80 3.17 -35.52 9.93
CA ARG A 80 2.92 -34.11 9.65
C ARG A 80 2.25 -33.49 10.88
N THR A 81 2.33 -32.17 11.03
CA THR A 81 1.72 -31.52 12.19
C THR A 81 0.24 -31.89 12.35
N TYR A 82 -0.50 -31.99 11.25
CA TYR A 82 -1.92 -32.34 11.28
C TYR A 82 -2.12 -33.60 10.46
N PRO A 83 -2.92 -34.55 10.97
CA PRO A 83 -3.07 -35.80 10.23
C PRO A 83 -3.78 -35.67 8.90
N MET A 84 -4.64 -34.66 8.76
CA MET A 84 -5.25 -34.43 7.46
C MET A 84 -4.19 -34.21 6.33
N TRP A 85 -2.96 -33.84 6.70
CA TRP A 85 -1.90 -33.60 5.73
C TRP A 85 -1.11 -34.84 5.27
N GLU A 86 -1.36 -35.98 5.90
CA GLU A 86 -0.60 -37.20 5.61
C GLU A 86 -1.24 -37.98 4.48
N LYS A 87 -1.37 -37.32 3.34
CA LYS A 87 -1.95 -37.94 2.18
C LYS A 87 -1.49 -37.17 0.98
N ASP A 88 -1.77 -37.75 -0.18
CA ASP A 88 -1.39 -37.25 -1.49
C ASP A 88 -2.43 -36.28 -2.00
N MET A 89 -1.96 -35.18 -2.56
CA MET A 89 -2.86 -34.14 -2.99
C MET A 89 -2.36 -33.29 -4.15
N THR A 90 -3.33 -32.72 -4.85
CA THR A 90 -3.08 -31.68 -5.84
C THR A 90 -2.93 -30.34 -5.13
N LEU A 91 -2.50 -29.32 -5.89
CA LEU A 91 -2.36 -27.97 -5.37
C LEU A 91 -3.66 -27.48 -4.81
N GLY A 92 -4.76 -27.79 -5.52
CA GLY A 92 -6.11 -27.41 -5.14
C GLY A 92 -6.55 -28.05 -3.84
N GLU A 93 -6.34 -29.36 -3.70
CA GLU A 93 -6.64 -30.00 -2.42
C GLU A 93 -5.75 -29.44 -1.31
N ALA A 94 -4.50 -29.20 -1.63
CA ALA A 94 -3.57 -28.67 -0.67
C ALA A 94 -3.95 -27.24 -0.21
N MET A 95 -4.50 -26.45 -1.12
CA MET A 95 -5.00 -25.12 -0.85
C MET A 95 -6.17 -25.14 0.13
N ALA A 96 -7.14 -26.04 -0.10
CA ALA A 96 -8.29 -26.20 0.81
C ALA A 96 -7.89 -26.66 2.19
N LEU A 97 -6.86 -27.52 2.26
CA LEU A 97 -6.42 -28.04 3.56
C LEU A 97 -5.30 -27.17 4.12
N SER A 98 -4.94 -26.10 3.40
CA SER A 98 -3.80 -25.28 3.80
C SER A 98 -2.58 -26.14 4.19
N ALA A 99 -2.25 -27.10 3.33
CA ALA A 99 -1.15 -28.06 3.56
C ALA A 99 0.22 -27.50 3.26
N ASP A 100 0.94 -27.09 4.30
CA ASP A 100 2.20 -26.37 4.10
C ASP A 100 3.31 -27.21 3.37
N PRO A 101 3.34 -28.55 3.59
CA PRO A 101 4.39 -29.36 2.94
C PRO A 101 4.29 -29.33 1.42
N VAL A 102 3.08 -29.34 0.91
CA VAL A 102 2.92 -29.20 -0.54
C VAL A 102 3.42 -27.85 -1.07
N TYR A 103 3.04 -26.81 -0.37
CA TYR A 103 3.40 -25.45 -0.75
C TYR A 103 4.86 -25.14 -0.46
N GLN A 104 5.46 -25.84 0.50
CA GLN A 104 6.91 -25.76 0.74
C GLN A 104 7.70 -26.44 -0.38
N GLU A 105 7.20 -27.57 -0.84
CA GLU A 105 7.78 -28.25 -1.97
C GLU A 105 7.63 -27.36 -3.20
N LEU A 106 6.47 -26.75 -3.38
CA LEU A 106 6.31 -25.90 -4.57
C LEU A 106 7.33 -24.74 -4.55
N ALA A 107 7.49 -24.14 -3.36
CA ALA A 107 8.41 -23.01 -3.21
C ALA A 107 9.84 -23.45 -3.55
N ARG A 108 10.25 -24.61 -3.05
CA ARG A 108 11.57 -25.11 -3.41
C ARG A 108 11.72 -25.39 -4.90
N ARG A 109 10.65 -25.76 -5.59
CA ARG A 109 10.79 -26.02 -7.03
C ARG A 109 11.05 -24.67 -7.72
N THR A 110 10.28 -23.67 -7.32
CA THR A 110 10.41 -22.32 -7.84
C THR A 110 11.83 -21.84 -7.55
N GLY A 111 12.30 -22.06 -6.32
CA GLY A 111 13.62 -21.62 -5.91
C GLY A 111 13.73 -20.15 -5.49
N LEU A 112 14.66 -19.89 -4.58
CA LEU A 112 14.88 -18.55 -3.95
C LEU A 112 14.94 -17.38 -4.91
N GLU A 113 15.71 -17.53 -5.98
CA GLU A 113 15.90 -16.45 -6.96
C GLU A 113 14.64 -16.14 -7.77
N LEU A 114 14.00 -17.17 -8.29
CA LEU A 114 12.80 -16.91 -9.05
C LEU A 114 11.73 -16.43 -8.08
N MET A 115 11.75 -16.94 -6.85
CA MET A 115 10.72 -16.51 -5.89
C MET A 115 10.88 -15.00 -5.56
N GLN A 116 12.08 -14.57 -5.19
CA GLN A 116 12.31 -13.15 -4.91
C GLN A 116 11.90 -12.25 -6.08
N LYS A 117 12.24 -12.63 -7.30
CA LYS A 117 11.92 -11.85 -8.49
C LYS A 117 10.42 -11.71 -8.74
N GLU A 118 9.67 -12.75 -8.41
CA GLU A 118 8.26 -12.83 -8.77
C GLU A 118 7.42 -12.06 -7.77
N VAL A 119 7.81 -12.14 -6.51
CA VAL A 119 7.17 -11.42 -5.42
C VAL A 119 7.42 -9.90 -5.55
N LYS A 120 8.64 -9.53 -5.98
CA LYS A 120 8.96 -8.14 -6.36
C LYS A 120 8.06 -7.72 -7.50
N ARG A 121 8.06 -8.51 -8.57
CA ARG A 121 7.25 -8.17 -9.78
C ARG A 121 5.75 -8.00 -9.51
N VAL A 122 5.17 -8.76 -8.59
CA VAL A 122 3.73 -8.55 -8.35
C VAL A 122 3.53 -7.53 -7.27
N ASN A 123 4.62 -7.17 -6.60
CA ASN A 123 4.56 -6.14 -5.58
CA ASN A 123 4.64 -6.17 -5.54
C ASN A 123 3.64 -6.56 -4.42
N PHE A 124 3.87 -7.73 -3.84
CA PHE A 124 3.04 -8.26 -2.76
C PHE A 124 3.62 -7.79 -1.43
N GLY A 125 2.85 -7.02 -0.65
CA GLY A 125 3.29 -6.61 0.69
C GLY A 125 4.55 -5.79 0.69
N ASN A 126 5.43 -6.03 1.65
CA ASN A 126 6.74 -5.41 1.65
C ASN A 126 7.74 -6.05 0.65
N THR A 127 7.30 -7.13 -0.01
CA THR A 127 8.07 -7.79 -1.07
C THR A 127 9.45 -8.36 -0.63
N ASN A 128 9.68 -8.53 0.65
CA ASN A 128 10.99 -9.03 1.08
C ASN A 128 10.86 -10.48 1.53
N ILE A 129 11.55 -11.41 0.84
CA ILE A 129 11.43 -12.82 1.24
C ILE A 129 12.65 -13.40 1.97
N GLY A 130 13.72 -12.62 2.05
CA GLY A 130 14.94 -13.06 2.75
C GLY A 130 15.70 -14.17 2.02
N THR A 131 16.19 -15.15 2.77
CA THR A 131 17.15 -16.09 2.21
C THR A 131 16.68 -17.54 2.26
N GLN A 132 15.49 -17.77 2.82
CA GLN A 132 14.94 -19.12 2.98
C GLN A 132 13.64 -19.34 2.19
N VAL A 133 13.77 -19.90 1.00
CA VAL A 133 12.64 -20.03 0.10
C VAL A 133 11.42 -20.77 0.69
N ASP A 134 11.63 -21.59 1.72
CA ASP A 134 10.52 -22.37 2.27
C ASP A 134 9.86 -21.92 3.58
N ASN A 135 10.27 -20.77 4.13
CA ASN A 135 9.66 -20.29 5.38
C ASN A 135 9.39 -18.76 5.55
N PHE A 136 9.66 -17.99 4.50
CA PHE A 136 9.52 -16.55 4.57
C PHE A 136 8.12 -15.98 4.87
N TRP A 137 7.08 -16.82 4.81
CA TRP A 137 5.70 -16.36 4.94
C TRP A 137 5.10 -16.57 6.32
N LEU A 138 5.83 -17.28 7.19
CA LEU A 138 5.36 -17.58 8.53
C LEU A 138 5.90 -16.64 9.62
N VAL A 139 7.14 -16.22 9.46
CA VAL A 139 7.83 -15.64 10.60
C VAL A 139 8.73 -14.49 10.14
N GLY A 140 8.43 -13.96 8.99
CA GLY A 140 9.24 -12.89 8.44
C GLY A 140 10.25 -13.45 7.44
N PRO A 141 10.85 -12.56 6.63
CA PRO A 141 10.65 -11.10 6.70
C PRO A 141 9.46 -10.56 5.88
N LEU A 142 8.75 -11.40 5.15
CA LEU A 142 7.62 -10.90 4.36
C LEU A 142 6.43 -10.52 5.26
N LYS A 143 5.85 -9.34 5.02
CA LYS A 143 4.71 -8.79 5.75
C LYS A 143 3.79 -8.07 4.76
N ILE A 144 2.56 -7.87 5.18
CA ILE A 144 1.56 -7.26 4.33
C ILE A 144 0.48 -6.73 5.24
N THR A 145 -0.20 -5.66 4.81
CA THR A 145 -1.29 -5.08 5.59
C THR A 145 -2.63 -5.63 5.13
N PRO A 146 -3.66 -5.55 6.01
CA PRO A 146 -4.98 -5.93 5.59
C PRO A 146 -5.45 -5.14 4.35
N VAL A 147 -5.11 -3.86 4.25
CA VAL A 147 -5.41 -3.11 3.02
C VAL A 147 -4.70 -3.70 1.78
N GLN A 148 -3.41 -4.02 1.90
CA GLN A 148 -2.73 -4.60 0.76
C GLN A 148 -3.34 -5.98 0.39
N GLU A 149 -3.81 -6.71 1.39
CA GLU A 149 -4.47 -7.99 1.13
C GLU A 149 -5.82 -7.93 0.41
N VAL A 150 -6.74 -7.03 0.78
CA VAL A 150 -7.96 -6.88 -0.04
C VAL A 150 -7.60 -6.38 -1.45
N ASN A 151 -6.59 -5.52 -1.57
CA ASN A 151 -6.18 -5.09 -2.92
C ASN A 151 -5.60 -6.23 -3.79
N PHE A 152 -4.94 -7.20 -3.16
CA PHE A 152 -4.53 -8.41 -3.89
C PHE A 152 -5.76 -9.22 -4.28
N ALA A 153 -6.70 -9.42 -3.37
CA ALA A 153 -7.87 -10.22 -3.66
C ALA A 153 -8.64 -9.56 -4.78
N ASP A 154 -8.62 -8.23 -4.79
CA ASP A 154 -9.37 -7.49 -5.79
C ASP A 154 -8.69 -7.66 -7.13
N ASP A 155 -7.36 -7.60 -7.16
CA ASP A 155 -6.58 -7.86 -8.35
C ASP A 155 -6.85 -9.27 -8.94
N LEU A 156 -6.70 -10.30 -8.10
CA LEU A 156 -6.96 -11.67 -8.51
C LEU A 156 -8.39 -11.86 -8.99
N ALA A 157 -9.36 -11.35 -8.23
CA ALA A 157 -10.75 -11.54 -8.60
C ALA A 157 -11.01 -10.96 -10.01
N HIS A 158 -10.28 -9.93 -10.40
CA HIS A 158 -10.49 -9.27 -11.70
C HIS A 158 -9.41 -9.63 -12.72
N ASN A 159 -8.58 -10.60 -12.40
CA ASN A 159 -7.56 -11.06 -13.36
C ASN A 159 -6.56 -9.99 -13.72
N ARG A 160 -6.23 -9.10 -12.77
CA ARG A 160 -5.32 -8.00 -13.03
C ARG A 160 -3.91 -8.27 -12.61
N LEU A 161 -3.66 -9.37 -11.92
CA LEU A 161 -2.29 -9.66 -11.56
C LEU A 161 -1.44 -9.92 -12.82
N PRO A 162 -0.12 -9.76 -12.71
CA PRO A 162 0.72 -9.93 -13.89
C PRO A 162 1.09 -11.42 -14.16
N PHE A 163 0.06 -12.21 -14.45
CA PHE A 163 0.19 -13.60 -14.80
C PHE A 163 -0.78 -13.83 -15.95
N LYS A 164 -0.57 -14.91 -16.71
CA LYS A 164 -1.55 -15.35 -17.69
C LYS A 164 -2.95 -15.44 -17.07
N LEU A 165 -3.95 -15.12 -17.89
CA LEU A 165 -5.32 -15.24 -17.49
C LEU A 165 -5.63 -16.65 -16.97
N GLU A 166 -5.11 -17.65 -17.67
CA GLU A 166 -5.39 -19.06 -17.37
C GLU A 166 -4.72 -19.45 -16.05
N THR A 167 -3.49 -19.00 -15.81
CA THR A 167 -2.88 -19.15 -14.50
C THR A 167 -3.86 -18.64 -13.39
N GLN A 168 -4.40 -17.44 -13.57
CA GLN A 168 -5.26 -16.82 -12.56
C GLN A 168 -6.58 -17.59 -12.41
N GLU A 169 -7.17 -18.04 -13.53
CA GLU A 169 -8.41 -18.81 -13.40
C GLU A 169 -8.14 -20.13 -12.67
N GLU A 170 -6.94 -20.70 -12.88
CA GLU A 170 -6.63 -21.99 -12.33
C GLU A 170 -6.64 -21.85 -10.81
N VAL A 171 -5.97 -20.81 -10.33
CA VAL A 171 -5.84 -20.60 -8.90
C VAL A 171 -7.20 -20.24 -8.31
N LYS A 172 -7.92 -19.32 -8.94
CA LYS A 172 -9.24 -18.98 -8.47
C LYS A 172 -10.14 -20.20 -8.24
N LYS A 173 -10.05 -21.20 -9.12
CA LYS A 173 -10.89 -22.38 -8.97
C LYS A 173 -10.56 -23.09 -7.66
N MET A 174 -9.31 -22.96 -7.22
CA MET A 174 -8.85 -23.62 -6.00
C MET A 174 -9.43 -22.99 -4.73
N LEU A 175 -10.08 -21.85 -4.86
CA LEU A 175 -10.31 -20.99 -3.66
C LEU A 175 -11.77 -20.94 -3.21
N LEU A 176 -12.63 -21.65 -3.94
CA LEU A 176 -14.07 -21.65 -3.67
C LEU A 176 -14.34 -22.38 -2.38
N ILE A 177 -14.87 -21.68 -1.37
CA ILE A 177 -15.04 -22.31 -0.06
C ILE A 177 -16.51 -22.40 0.38
N LYS A 178 -17.39 -21.62 -0.26
CA LYS A 178 -18.78 -21.58 0.17
C LYS A 178 -19.73 -21.01 -0.90
N GLU A 179 -20.90 -21.60 -1.02
CA GLU A 179 -21.98 -20.99 -1.81
C GLU A 179 -23.14 -20.68 -0.90
N VAL A 180 -23.65 -19.45 -0.99
CA VAL A 180 -24.73 -19.03 -0.09
C VAL A 180 -25.82 -18.33 -0.87
N ASN A 181 -26.81 -19.11 -1.31
CA ASN A 181 -27.98 -18.65 -2.09
C ASN A 181 -27.59 -17.86 -3.34
N GLY A 182 -26.85 -18.48 -4.27
CA GLY A 182 -26.44 -17.78 -5.50
C GLY A 182 -25.14 -16.98 -5.46
N SER A 183 -24.68 -16.61 -4.26
CA SER A 183 -23.37 -15.97 -4.11
C SER A 183 -22.30 -17.02 -3.89
N LYS A 184 -21.10 -16.79 -4.40
CA LYS A 184 -19.98 -17.71 -4.18
C LYS A 184 -18.87 -17.03 -3.42
N ILE A 185 -18.38 -17.67 -2.38
CA ILE A 185 -17.27 -17.10 -1.61
C ILE A 185 -15.95 -17.79 -1.98
N TYR A 186 -15.02 -17.03 -2.54
CA TYR A 186 -13.66 -17.54 -2.81
C TYR A 186 -12.77 -16.89 -1.78
N ALA A 187 -11.99 -17.66 -1.05
CA ALA A 187 -11.09 -17.06 -0.07
C ALA A 187 -10.02 -18.05 0.35
N LYS A 188 -8.95 -17.52 0.93
CA LYS A 188 -7.92 -18.33 1.53
C LYS A 188 -7.72 -17.88 2.96
N SER A 189 -7.78 -18.86 3.88
CA SER A 189 -7.54 -18.62 5.29
C SER A 189 -6.06 -18.60 5.61
N GLY A 190 -5.77 -18.11 6.81
CA GLY A 190 -4.39 -17.92 7.24
C GLY A 190 -4.34 -17.98 8.75
N TRP A 191 -3.27 -18.56 9.27
CA TRP A 191 -3.06 -18.66 10.72
C TRP A 191 -1.56 -18.77 11.06
N GLY A 192 -0.92 -17.65 11.38
CA GLY A 192 0.46 -17.63 11.79
C GLY A 192 0.62 -17.94 13.26
N MET A 193 0.91 -19.20 13.59
CA MET A 193 1.13 -19.62 14.99
C MET A 193 2.55 -19.39 15.51
N GLY A 194 3.54 -19.51 14.64
CA GLY A 194 4.89 -19.00 14.92
C GLY A 194 4.92 -17.65 15.65
N VAL A 195 4.62 -16.54 14.93
CA VAL A 195 4.65 -15.15 15.48
C VAL A 195 3.87 -14.90 16.77
N THR A 196 4.29 -13.88 17.53
CA THR A 196 3.58 -13.54 18.76
C THR A 196 3.26 -12.06 18.69
N PRO A 197 1.97 -11.69 18.83
CA PRO A 197 0.83 -12.62 18.92
C PRO A 197 0.49 -13.25 17.56
N GLN A 198 -0.31 -14.29 17.58
CA GLN A 198 -0.72 -14.98 16.38
C GLN A 198 -1.65 -14.13 15.53
N VAL A 199 -1.57 -14.32 14.21
CA VAL A 199 -2.44 -13.60 13.29
C VAL A 199 -3.36 -14.59 12.58
N GLY A 200 -4.64 -14.21 12.40
CA GLY A 200 -5.59 -14.98 11.60
C GLY A 200 -5.97 -14.13 10.40
N TRP A 201 -6.18 -14.77 9.25
CA TRP A 201 -6.54 -14.08 8.02
C TRP A 201 -7.67 -14.86 7.37
N LEU A 202 -8.56 -14.16 6.68
CA LEU A 202 -9.41 -14.77 5.64
C LEU A 202 -9.56 -13.73 4.54
N THR A 203 -8.87 -13.96 3.43
CA THR A 203 -8.85 -13.03 2.34
C THR A 203 -9.44 -13.65 1.08
N GLY A 204 -10.25 -12.88 0.35
CA GLY A 204 -11.05 -13.42 -0.74
C GLY A 204 -12.02 -12.44 -1.39
N TRP A 205 -13.07 -12.97 -2.01
CA TRP A 205 -14.14 -12.16 -2.54
C TRP A 205 -15.41 -12.95 -2.61
N VAL A 206 -16.51 -12.21 -2.67
CA VAL A 206 -17.80 -12.80 -2.92
C VAL A 206 -18.09 -12.52 -4.37
N GLU A 207 -18.49 -13.54 -5.10
CA GLU A 207 -18.97 -13.33 -6.44
C GLU A 207 -20.50 -13.46 -6.36
N GLN A 208 -21.20 -12.37 -6.60
CA GLN A 208 -22.65 -12.38 -6.53
C GLN A 208 -23.27 -12.97 -7.82
N ALA A 209 -24.52 -13.43 -7.72
CA ALA A 209 -25.25 -14.06 -8.86
C ALA A 209 -25.08 -13.31 -10.17
N ASN A 210 -25.17 -11.98 -10.10
CA ASN A 210 -25.05 -11.09 -11.27
C ASN A 210 -23.63 -10.81 -11.75
N GLY A 211 -22.64 -11.49 -11.18
CA GLY A 211 -21.27 -11.34 -11.63
C GLY A 211 -20.43 -10.33 -10.87
N LYS A 212 -21.07 -9.43 -10.11
CA LYS A 212 -20.29 -8.46 -9.32
C LYS A 212 -19.43 -9.16 -8.25
N LYS A 213 -18.18 -8.69 -8.15
CA LYS A 213 -17.22 -9.19 -7.17
C LYS A 213 -16.93 -8.17 -6.08
N ILE A 214 -17.06 -8.61 -4.81
CA ILE A 214 -16.81 -7.81 -3.64
C ILE A 214 -15.69 -8.44 -2.81
N PRO A 215 -14.48 -7.93 -2.96
CA PRO A 215 -13.34 -8.41 -2.19
C PRO A 215 -13.40 -7.98 -0.71
N PHE A 216 -12.80 -8.79 0.16
CA PHE A 216 -12.72 -8.55 1.60
C PHE A 216 -11.41 -9.11 2.14
N SER A 217 -11.06 -8.68 3.33
CA SER A 217 -9.95 -9.31 4.01
C SER A 217 -10.20 -9.13 5.46
N LEU A 218 -10.24 -10.25 6.16
CA LEU A 218 -10.40 -10.26 7.59
C LEU A 218 -9.02 -10.48 8.21
N ASN A 219 -8.69 -9.76 9.26
CA ASN A 219 -7.40 -9.90 9.93
C ASN A 219 -7.65 -9.76 11.44
N LEU A 220 -7.31 -10.78 12.21
CA LEU A 220 -7.50 -10.70 13.64
C LEU A 220 -6.34 -11.36 14.41
N GLU A 221 -6.37 -11.20 15.72
CA GLU A 221 -5.46 -11.92 16.60
C GLU A 221 -6.06 -13.28 17.01
N MET A 222 -5.38 -14.38 16.70
CA MET A 222 -5.79 -15.70 17.21
C MET A 222 -5.15 -15.90 18.61
N LYS A 223 -5.89 -16.56 19.50
CA LYS A 223 -5.44 -16.93 20.87
C LYS A 223 -5.65 -18.44 21.01
N GLU A 224 -5.00 -19.06 21.99
CA GLU A 224 -5.15 -20.53 22.20
C GLU A 224 -6.59 -20.91 22.58
N GLY A 225 -7.05 -22.00 21.97
CA GLY A 225 -8.43 -22.48 22.13
C GLY A 225 -9.45 -21.60 21.41
N MET A 226 -9.00 -20.91 20.35
CA MET A 226 -9.91 -20.39 19.32
C MET A 226 -9.93 -21.48 18.29
N SER A 227 -11.10 -21.84 17.79
CA SER A 227 -11.15 -22.71 16.62
C SER A 227 -10.85 -21.80 15.42
N GLY A 228 -10.20 -22.34 14.39
CA GLY A 228 -9.91 -21.59 13.18
C GLY A 228 -11.18 -21.11 12.49
N SER A 229 -12.27 -21.76 12.82
CA SER A 229 -13.51 -21.47 12.15
C SER A 229 -14.18 -20.14 12.59
N ILE A 230 -13.78 -19.50 13.70
CA ILE A 230 -14.30 -18.13 13.89
C ILE A 230 -13.93 -17.18 12.73
N ARG A 231 -12.82 -17.44 12.04
CA ARG A 231 -12.40 -16.54 10.98
C ARG A 231 -13.51 -16.46 9.92
N ASN A 232 -14.03 -17.65 9.56
CA ASN A 232 -15.12 -17.80 8.64
C ASN A 232 -16.43 -17.27 9.20
N GLU A 233 -16.72 -17.65 10.43
CA GLU A 233 -17.95 -17.27 11.09
C GLU A 233 -18.09 -15.73 11.16
N ILE A 234 -17.04 -15.05 11.58
CA ILE A 234 -17.08 -13.59 11.68
C ILE A 234 -17.25 -13.03 10.30
N THR A 235 -16.56 -13.61 9.33
CA THR A 235 -16.59 -13.10 7.97
C THR A 235 -18.00 -13.20 7.36
N TYR A 236 -18.62 -14.38 7.48
CA TYR A 236 -19.95 -14.61 6.90
C TYR A 236 -21.02 -13.76 7.57
N LYS A 237 -20.98 -13.69 8.88
CA LYS A 237 -21.81 -12.73 9.63
C LYS A 237 -21.66 -11.28 9.16
N SER A 238 -20.43 -10.84 8.90
CA SER A 238 -20.18 -9.47 8.50
C SER A 238 -20.75 -9.22 7.12
N LEU A 239 -20.41 -10.08 6.16
CA LEU A 239 -20.97 -10.00 4.82
C LEU A 239 -22.50 -10.10 4.79
N GLU A 240 -23.09 -10.94 5.63
CA GLU A 240 -24.54 -11.03 5.71
C GLU A 240 -25.13 -9.73 6.30
N ASN A 241 -24.57 -9.27 7.42
CA ASN A 241 -24.99 -7.99 7.96
C ASN A 241 -24.97 -6.87 6.94
N LEU A 242 -23.99 -6.87 6.04
CA LEU A 242 -23.91 -5.80 5.06
C LEU A 242 -24.78 -6.03 3.82
N GLY A 243 -25.46 -7.19 3.76
CA GLY A 243 -26.27 -7.56 2.62
C GLY A 243 -25.43 -7.93 1.39
N ILE A 244 -24.22 -8.44 1.62
CA ILE A 244 -23.35 -8.80 0.50
C ILE A 244 -23.64 -10.25 0.10
N ILE A 245 -23.90 -11.08 1.09
CA ILE A 245 -24.42 -12.40 0.87
C ILE A 245 -25.78 -12.52 1.59
N MET B 1 1.73 14.61 27.58
CA MET B 1 1.01 15.91 27.37
C MET B 1 -0.51 15.73 27.61
N HIS B 2 -1.20 16.83 27.96
CA HIS B 2 -2.54 16.70 28.52
C HIS B 2 -3.72 17.00 27.59
N ILE B 3 -3.45 17.39 26.36
CA ILE B 3 -4.52 17.65 25.38
C ILE B 3 -5.15 16.33 24.91
N SER B 4 -6.47 16.22 24.90
CA SER B 4 -7.09 14.93 24.60
C SER B 4 -6.95 14.64 23.13
N SER B 5 -7.02 13.39 22.71
CA SER B 5 -6.90 13.15 21.31
C SER B 5 -8.16 13.68 20.58
N GLN B 6 -9.28 13.69 21.30
CA GLN B 6 -10.49 14.30 20.77
C GLN B 6 -10.25 15.78 20.38
N GLN B 7 -9.64 16.58 21.25
CA GLN B 7 -9.28 17.96 20.91
C GLN B 7 -8.30 18.04 19.75
N HIS B 8 -7.25 17.22 19.74
CA HIS B 8 -6.32 17.24 18.60
C HIS B 8 -7.06 16.96 17.27
N GLU B 9 -7.88 15.91 17.26
CA GLU B 9 -8.56 15.54 16.02
C GLU B 9 -9.43 16.69 15.52
N LYS B 10 -10.02 17.41 16.46
CA LYS B 10 -10.98 18.42 16.16
C LYS B 10 -10.28 19.69 15.64
N ALA B 11 -9.22 20.10 16.34
CA ALA B 11 -8.40 21.19 15.85
C ALA B 11 -7.87 20.88 14.43
N ILE B 12 -7.37 19.69 14.15
CA ILE B 12 -6.80 19.44 12.83
C ILE B 12 -7.89 19.39 11.76
N LYS B 13 -9.01 18.72 12.05
CA LYS B 13 -10.17 18.83 11.16
C LYS B 13 -10.51 20.30 10.90
N SER B 14 -10.41 21.16 11.90
CA SER B 14 -10.81 22.54 11.67
C SER B 14 -9.91 23.28 10.67
N TYR B 15 -8.62 22.93 10.61
CA TYR B 15 -7.72 23.63 9.68
C TYR B 15 -8.12 23.34 8.26
N PHE B 16 -8.51 22.11 8.00
CA PHE B 16 -9.07 21.77 6.71
C PHE B 16 -10.41 22.46 6.49
N ASP B 17 -11.29 22.42 7.49
CA ASP B 17 -12.62 23.05 7.35
C ASP B 17 -12.47 24.53 7.01
N GLU B 18 -11.53 25.21 7.67
CA GLU B 18 -11.35 26.64 7.50
C GLU B 18 -10.75 27.02 6.13
N ALA B 19 -10.05 26.10 5.48
CA ALA B 19 -9.59 26.32 4.12
C ALA B 19 -10.70 25.95 3.13
N GLN B 20 -11.85 25.54 3.62
CA GLN B 20 -12.94 25.12 2.73
C GLN B 20 -12.44 24.11 1.68
N THR B 21 -11.72 23.09 2.15
CA THR B 21 -11.29 22.02 1.30
C THR B 21 -11.68 20.73 1.98
N GLN B 22 -11.31 19.59 1.38
CA GLN B 22 -11.42 18.29 1.95
C GLN B 22 -10.03 17.71 1.90
N GLY B 23 -9.59 17.12 2.99
CA GLY B 23 -8.23 16.66 3.04
C GLY B 23 -7.96 15.78 4.22
N VAL B 24 -6.78 15.19 4.18
CA VAL B 24 -6.27 14.38 5.23
C VAL B 24 -4.77 14.66 5.43
N ILE B 25 -4.27 14.42 6.63
CA ILE B 25 -2.84 14.43 6.86
C ILE B 25 -2.53 13.19 7.65
N ILE B 26 -1.64 12.39 7.10
CA ILE B 26 -1.18 11.19 7.74
C ILE B 26 0.19 11.42 8.39
N ILE B 27 0.30 11.07 9.67
CA ILE B 27 1.54 11.18 10.44
C ILE B 27 2.05 9.80 10.85
N LYS B 28 3.33 9.52 10.63
CA LYS B 28 3.91 8.27 11.04
C LYS B 28 4.90 8.44 12.18
N GLU B 29 4.61 7.82 13.30
CA GLU B 29 5.53 7.79 14.44
C GLU B 29 6.04 6.39 14.69
N GLY B 30 7.31 6.16 14.36
CA GLY B 30 7.85 4.80 14.41
C GLY B 30 7.16 3.98 13.33
N LYS B 31 6.42 2.97 13.73
CA LYS B 31 5.66 2.20 12.74
C LYS B 31 4.15 2.54 12.71
N ASN B 32 3.68 3.39 13.62
CA ASN B 32 2.23 3.68 13.80
CA ASN B 32 2.27 3.67 13.80
C ASN B 32 1.78 4.85 12.92
N LEU B 33 0.85 4.57 12.01
CA LEU B 33 0.20 5.64 11.19
C LEU B 33 -0.97 6.27 11.89
N SER B 34 -1.05 7.60 11.83
CA SER B 34 -2.18 8.32 12.39
C SER B 34 -2.77 9.18 11.30
N THR B 35 -4.09 9.17 11.19
CA THR B 35 -4.78 9.91 10.14
C THR B 35 -5.59 11.04 10.77
N TYR B 36 -5.38 12.27 10.29
CA TYR B 36 -6.16 13.40 10.80
C TYR B 36 -6.82 14.16 9.65
N GLY B 37 -7.69 15.11 9.96
CA GLY B 37 -8.23 15.96 8.88
C GLY B 37 -9.76 15.90 8.82
N ASN B 38 -10.35 16.42 7.75
CA ASN B 38 -11.81 16.41 7.60
C ASN B 38 -12.35 15.43 6.57
N ALA B 39 -11.46 14.61 5.99
CA ALA B 39 -11.89 13.58 5.08
C ALA B 39 -11.05 12.35 5.23
N LEU B 40 -11.22 11.63 6.35
CA LEU B 40 -10.31 10.54 6.64
C LEU B 40 -10.25 9.50 5.51
N ALA B 41 -11.35 9.28 4.78
CA ALA B 41 -11.41 8.20 3.81
C ALA B 41 -10.48 8.41 2.62
N ARG B 42 -9.91 9.60 2.51
CA ARG B 42 -8.97 9.86 1.46
C ARG B 42 -7.70 9.06 1.65
N ALA B 43 -7.41 8.61 2.88
CA ALA B 43 -6.13 7.95 3.25
C ALA B 43 -5.76 6.79 2.34
N ASN B 44 -6.72 6.00 1.92
CA ASN B 44 -6.38 4.88 1.07
C ASN B 44 -6.93 4.98 -0.34
N LYS B 45 -7.26 6.19 -0.78
CA LYS B 45 -7.67 6.41 -2.17
C LYS B 45 -6.46 6.88 -3.02
N GLU B 46 -6.51 6.55 -4.30
CA GLU B 46 -5.41 6.82 -5.23
C GLU B 46 -5.63 8.16 -5.92
N TYR B 47 -4.60 9.02 -5.91
CA TYR B 47 -4.55 10.27 -6.64
C TYR B 47 -3.25 10.29 -7.43
N VAL B 48 -3.19 11.17 -8.44
CA VAL B 48 -1.97 11.39 -9.16
C VAL B 48 -0.94 11.99 -8.20
N PRO B 49 0.33 11.62 -8.36
CA PRO B 49 1.33 12.12 -7.42
C PRO B 49 1.71 13.56 -7.75
N ALA B 50 1.41 14.00 -8.98
CA ALA B 50 1.80 15.36 -9.43
C ALA B 50 3.27 15.56 -9.17
N SER B 51 3.67 16.72 -8.66
CA SER B 51 5.09 16.97 -8.45
C SER B 51 5.75 16.20 -7.30
N THR B 52 4.98 15.45 -6.51
CA THR B 52 5.64 14.67 -5.44
C THR B 52 6.56 13.70 -6.16
N PHE B 53 6.27 13.43 -7.42
CA PHE B 53 7.07 12.50 -8.21
C PHE B 53 8.47 13.00 -8.46
N LYS B 54 8.67 14.31 -8.38
CA LYS B 54 10.00 14.85 -8.50
C LYS B 54 11.01 14.17 -7.59
N MET B 55 10.61 13.84 -6.38
CA MET B 55 11.50 13.09 -5.46
C MET B 55 12.06 11.83 -6.09
N LEU B 56 11.20 11.03 -6.70
CA LEU B 56 11.63 9.78 -7.26
C LEU B 56 12.36 10.00 -8.59
N ASN B 57 11.84 10.91 -9.41
CA ASN B 57 12.48 11.33 -10.65
C ASN B 57 13.95 11.74 -10.33
N ALA B 58 14.15 12.57 -9.30
CA ALA B 58 15.53 12.96 -8.92
C ALA B 58 16.34 11.74 -8.52
N LEU B 59 15.81 10.89 -7.63
CA LEU B 59 16.57 9.68 -7.24
C LEU B 59 16.96 8.83 -8.47
N ILE B 60 16.02 8.61 -9.38
CA ILE B 60 16.27 7.77 -10.56
C ILE B 60 17.34 8.42 -11.46
N GLY B 61 17.23 9.74 -11.67
CA GLY B 61 18.14 10.44 -12.56
C GLY B 61 19.55 10.44 -11.99
N LEU B 62 19.68 10.68 -10.70
CA LEU B 62 20.97 10.77 -10.09
C LEU B 62 21.64 9.39 -9.99
N GLU B 63 20.87 8.36 -9.66
CA GLU B 63 21.43 7.01 -9.48
C GLU B 63 22.00 6.50 -10.81
N ASN B 64 21.31 6.84 -11.91
CA ASN B 64 21.69 6.36 -13.23
C ASN B 64 22.52 7.39 -14.03
N HIS B 65 23.11 8.35 -13.33
CA HIS B 65 24.02 9.32 -13.95
C HIS B 65 23.42 10.10 -15.11
N LYS B 66 22.20 10.58 -14.94
CA LYS B 66 21.55 11.33 -16.00
C LYS B 66 21.75 12.80 -15.71
N ALA B 67 22.34 13.09 -14.54
CA ALA B 67 22.51 14.44 -14.05
C ALA B 67 23.44 14.38 -12.84
N THR B 68 23.99 15.52 -12.45
CA THR B 68 24.69 15.58 -11.20
C THR B 68 23.99 16.65 -10.41
N THR B 69 24.27 16.77 -9.14
CA THR B 69 23.60 17.79 -8.36
C THR B 69 24.09 19.22 -8.63
N ASN B 70 25.14 19.39 -9.42
CA ASN B 70 25.58 20.74 -9.72
C ASN B 70 25.36 21.17 -11.15
N GLU B 71 24.94 20.21 -11.97
CA GLU B 71 24.60 20.49 -13.38
C GLU B 71 23.57 21.61 -13.46
N ILE B 72 23.78 22.57 -14.36
CA ILE B 72 22.79 23.61 -14.56
C ILE B 72 21.94 23.27 -15.78
N PHE B 73 20.64 23.07 -15.56
CA PHE B 73 19.70 22.85 -16.65
C PHE B 73 19.29 24.23 -17.21
N LYS B 74 19.65 24.51 -18.44
CA LYS B 74 19.40 25.82 -19.01
C LYS B 74 18.00 25.99 -19.53
N TRP B 75 17.37 27.09 -19.16
CA TRP B 75 16.15 27.53 -19.75
C TRP B 75 16.38 27.63 -21.27
N ASP B 76 15.48 27.03 -22.04
CA ASP B 76 15.58 27.00 -23.49
C ASP B 76 15.12 28.33 -24.15
N GLY B 77 14.65 29.25 -23.32
CA GLY B 77 14.14 30.53 -23.77
C GLY B 77 12.71 30.54 -24.27
N LYS B 78 12.01 29.40 -24.14
CA LYS B 78 10.57 29.39 -24.49
C LYS B 78 9.74 29.82 -23.30
N LYS B 79 8.58 30.43 -23.56
CA LYS B 79 7.73 30.92 -22.49
C LYS B 79 7.32 29.75 -21.59
N ARG B 80 7.37 29.96 -20.28
CA ARG B 80 6.91 28.94 -19.35
CA ARG B 80 6.95 28.93 -19.34
C ARG B 80 5.67 29.38 -18.61
N THR B 81 4.90 28.39 -18.16
CA THR B 81 3.64 28.62 -17.46
C THR B 81 3.79 29.63 -16.31
N TYR B 82 4.91 29.57 -15.60
CA TYR B 82 5.21 30.47 -14.49
C TYR B 82 6.55 31.14 -14.76
N PRO B 83 6.61 32.47 -14.63
CA PRO B 83 7.82 33.26 -14.86
C PRO B 83 9.02 32.87 -14.03
N MET B 84 8.80 32.39 -12.82
CA MET B 84 9.90 31.89 -11.96
C MET B 84 10.70 30.73 -12.61
N TRP B 85 10.08 30.02 -13.56
CA TRP B 85 10.70 28.90 -14.25
C TRP B 85 11.58 29.30 -15.45
N GLU B 86 11.51 30.57 -15.86
CA GLU B 86 12.28 31.06 -17.02
C GLU B 86 13.71 31.44 -16.66
N LYS B 87 14.43 30.46 -16.14
CA LYS B 87 15.81 30.63 -15.76
C LYS B 87 16.49 29.27 -15.65
N ASP B 88 17.82 29.34 -15.56
CA ASP B 88 18.71 28.19 -15.45
C ASP B 88 18.79 27.71 -14.00
N MET B 89 18.73 26.42 -13.82
CA MET B 89 18.73 25.88 -12.48
C MET B 89 19.24 24.46 -12.39
N THR B 90 19.69 24.15 -11.16
CA THR B 90 20.10 22.81 -10.75
C THR B 90 18.87 21.99 -10.39
N LEU B 91 19.03 20.68 -10.18
CA LEU B 91 17.93 19.81 -9.78
C LEU B 91 17.28 20.32 -8.51
N GLY B 92 18.13 20.79 -7.58
CA GLY B 92 17.71 21.23 -6.27
C GLY B 92 16.98 22.55 -6.28
N GLU B 93 17.43 23.48 -7.10
CA GLU B 93 16.66 24.69 -7.32
C GLU B 93 15.31 24.36 -7.98
N ALA B 94 15.36 23.46 -8.95
CA ALA B 94 14.17 23.05 -9.67
C ALA B 94 13.13 22.34 -8.77
N MET B 95 13.61 21.58 -7.78
CA MET B 95 12.78 20.90 -6.80
C MET B 95 12.04 21.94 -5.94
N ALA B 96 12.78 22.96 -5.48
CA ALA B 96 12.20 24.00 -4.62
C ALA B 96 11.15 24.82 -5.37
N LEU B 97 11.40 25.06 -6.67
CA LEU B 97 10.46 25.81 -7.48
C LEU B 97 9.42 24.86 -8.15
N SER B 98 9.54 23.55 -7.91
CA SER B 98 8.71 22.58 -8.61
C SER B 98 8.66 22.86 -10.12
N ALA B 99 9.85 23.03 -10.71
CA ALA B 99 9.99 23.42 -12.11
C ALA B 99 9.88 22.22 -13.04
N ASP B 100 8.67 21.96 -13.55
CA ASP B 100 8.39 20.76 -14.31
C ASP B 100 9.31 20.58 -15.54
N PRO B 101 9.68 21.67 -16.24
CA PRO B 101 10.51 21.50 -17.44
C PRO B 101 11.89 20.89 -17.18
N VAL B 102 12.49 21.20 -16.05
CA VAL B 102 13.73 20.53 -15.68
C VAL B 102 13.49 19.05 -15.42
N TYR B 103 12.39 18.76 -14.73
CA TYR B 103 12.10 17.39 -14.39
C TYR B 103 11.56 16.57 -15.58
N GLN B 104 10.97 17.27 -16.56
CA GLN B 104 10.59 16.62 -17.81
C GLN B 104 11.83 16.27 -18.63
N GLU B 105 12.80 17.18 -18.64
CA GLU B 105 14.05 16.90 -19.30
C GLU B 105 14.78 15.75 -18.59
N LEU B 106 14.77 15.71 -17.27
CA LEU B 106 15.42 14.59 -16.57
C LEU B 106 14.77 13.25 -16.94
N ALA B 107 13.44 13.23 -17.02
CA ALA B 107 12.69 12.01 -17.32
C ALA B 107 13.01 11.53 -18.73
N ARG B 108 13.06 12.47 -19.68
CA ARG B 108 13.48 12.09 -21.03
C ARG B 108 14.92 11.56 -21.08
N ARG B 109 15.81 11.98 -20.19
CA ARG B 109 17.19 11.47 -20.26
C ARG B 109 17.15 10.04 -19.71
N THR B 110 16.45 9.85 -18.60
CA THR B 110 16.23 8.53 -18.08
C THR B 110 15.61 7.64 -19.17
N GLY B 111 14.57 8.14 -19.83
CA GLY B 111 13.90 7.35 -20.89
C GLY B 111 12.84 6.38 -20.38
N LEU B 112 11.79 6.18 -21.19
CA LEU B 112 10.62 5.39 -20.82
C LEU B 112 10.97 4.04 -20.19
N GLU B 113 11.80 3.28 -20.88
CA GLU B 113 12.12 1.94 -20.45
C GLU B 113 12.82 1.88 -19.10
N LEU B 114 13.88 2.67 -18.93
CA LEU B 114 14.54 2.70 -17.65
C LEU B 114 13.58 3.29 -16.57
N MET B 115 12.82 4.31 -16.92
CA MET B 115 11.86 4.88 -15.93
C MET B 115 10.89 3.80 -15.41
N GLN B 116 10.26 3.07 -16.33
CA GLN B 116 9.27 2.06 -15.96
C GLN B 116 9.88 0.97 -15.08
N LYS B 117 11.09 0.52 -15.40
CA LYS B 117 11.77 -0.49 -14.60
C LYS B 117 12.09 0.01 -13.20
N GLU B 118 12.43 1.29 -13.10
CA GLU B 118 12.85 1.86 -11.82
C GLU B 118 11.67 2.11 -10.92
N VAL B 119 10.58 2.59 -11.51
CA VAL B 119 9.37 2.85 -10.74
C VAL B 119 8.78 1.52 -10.24
N LYS B 120 8.85 0.48 -11.07
CA LYS B 120 8.53 -0.89 -10.64
C LYS B 120 9.46 -1.36 -9.51
N ARG B 121 10.75 -1.24 -9.70
CA ARG B 121 11.71 -1.66 -8.66
C ARG B 121 11.50 -1.01 -7.27
N VAL B 122 11.15 0.27 -7.23
CA VAL B 122 10.92 0.88 -5.92
C VAL B 122 9.47 0.69 -5.50
N ASN B 123 8.65 0.18 -6.42
CA ASN B 123 7.25 -0.09 -6.16
CA ASN B 123 7.27 -0.11 -6.07
C ASN B 123 6.53 1.17 -5.59
N PHE B 124 6.53 2.23 -6.40
CA PHE B 124 5.90 3.50 -6.06
C PHE B 124 4.45 3.47 -6.58
N GLY B 125 3.48 3.62 -5.67
CA GLY B 125 2.08 3.74 -6.04
C GLY B 125 1.57 2.51 -6.74
N ASN B 126 0.77 2.70 -7.79
CA ASN B 126 0.33 1.58 -8.61
C ASN B 126 1.40 1.16 -9.62
N THR B 127 2.55 1.84 -9.58
CA THR B 127 3.75 1.54 -10.39
C THR B 127 3.52 1.54 -11.90
N ASN B 128 2.44 2.17 -12.37
CA ASN B 128 2.13 2.18 -13.80
C ASN B 128 2.46 3.54 -14.43
N ILE B 129 3.36 3.59 -15.40
CA ILE B 129 3.68 4.89 -16.01
C ILE B 129 3.25 5.09 -17.46
N GLY B 130 2.70 4.03 -18.09
CA GLY B 130 2.15 4.14 -19.44
C GLY B 130 3.20 4.34 -20.54
N THR B 131 2.91 5.17 -21.55
CA THR B 131 3.79 5.24 -22.73
C THR B 131 4.53 6.58 -22.92
N GLN B 132 4.15 7.57 -22.12
CA GLN B 132 4.72 8.92 -22.22
C GLN B 132 5.65 9.25 -21.03
N VAL B 133 6.95 9.05 -21.21
CA VAL B 133 7.91 9.27 -20.12
C VAL B 133 7.86 10.67 -19.47
N ASP B 134 7.33 11.66 -20.17
CA ASP B 134 7.36 13.04 -19.68
C ASP B 134 6.07 13.60 -19.10
N ASN B 135 5.05 12.77 -18.90
CA ASN B 135 3.82 13.30 -18.32
C ASN B 135 2.96 12.32 -17.48
N PHE B 136 3.46 11.12 -17.26
CA PHE B 136 2.70 10.15 -16.50
C PHE B 136 2.31 10.52 -15.06
N TRP B 137 2.84 11.62 -14.50
CA TRP B 137 2.63 11.97 -13.09
C TRP B 137 1.55 13.02 -12.87
N LEU B 138 0.98 13.53 -13.96
CA LEU B 138 0.00 14.60 -13.86
C LEU B 138 -1.46 14.16 -14.11
N VAL B 139 -1.65 13.30 -15.09
CA VAL B 139 -3.01 12.97 -15.55
C VAL B 139 -3.20 11.48 -15.66
N GLY B 140 -2.34 10.70 -15.01
CA GLY B 140 -2.45 9.27 -15.16
C GLY B 140 -1.34 8.78 -16.09
N PRO B 141 -1.07 7.46 -16.09
CA PRO B 141 -1.80 6.47 -15.28
C PRO B 141 -1.19 6.19 -13.87
N LEU B 142 -0.12 6.88 -13.50
CA LEU B 142 0.50 6.61 -12.19
C LEU B 142 -0.40 7.25 -11.14
N LYS B 143 -0.70 6.51 -10.07
CA LYS B 143 -1.42 7.02 -8.92
C LYS B 143 -0.81 6.42 -7.65
N ILE B 144 -1.26 6.94 -6.51
CA ILE B 144 -0.67 6.62 -5.23
C ILE B 144 -1.56 7.19 -4.16
N THR B 145 -1.59 6.51 -3.00
CA THR B 145 -2.47 6.91 -1.92
C THR B 145 -1.65 7.71 -0.91
N PRO B 146 -2.32 8.55 -0.12
CA PRO B 146 -1.70 9.25 0.95
C PRO B 146 -0.91 8.32 1.89
N VAL B 147 -1.41 7.12 2.18
CA VAL B 147 -0.65 6.13 2.96
C VAL B 147 0.67 5.69 2.29
N GLN B 148 0.61 5.39 1.00
CA GLN B 148 1.81 4.98 0.29
C GLN B 148 2.84 6.11 0.22
N GLU B 149 2.36 7.35 0.13
CA GLU B 149 3.23 8.53 0.11
C GLU B 149 3.92 8.77 1.44
N VAL B 150 3.19 8.64 2.55
CA VAL B 150 3.89 8.83 3.85
C VAL B 150 4.87 7.67 4.07
N ASN B 151 4.55 6.46 3.60
CA ASN B 151 5.51 5.36 3.64
C ASN B 151 6.75 5.53 2.74
N PHE B 152 6.57 6.15 1.57
CA PHE B 152 7.70 6.55 0.74
C PHE B 152 8.56 7.55 1.50
N ALA B 153 7.94 8.55 2.13
CA ALA B 153 8.69 9.57 2.83
C ALA B 153 9.46 8.94 3.97
N ASP B 154 8.86 7.93 4.59
CA ASP B 154 9.47 7.28 5.76
C ASP B 154 10.68 6.53 5.27
N ASP B 155 10.52 5.83 4.14
CA ASP B 155 11.64 5.14 3.48
C ASP B 155 12.82 6.06 3.11
N LEU B 156 12.50 7.15 2.42
CA LEU B 156 13.50 8.14 2.04
C LEU B 156 14.16 8.71 3.28
N ALA B 157 13.37 9.14 4.28
CA ALA B 157 13.95 9.72 5.48
C ALA B 157 14.96 8.80 6.19
N HIS B 158 14.73 7.49 6.09
CA HIS B 158 15.59 6.46 6.72
C HIS B 158 16.56 5.77 5.73
N ASN B 159 16.72 6.34 4.56
CA ASN B 159 17.63 5.78 3.56
C ASN B 159 17.31 4.32 3.22
N ARG B 160 16.04 3.95 3.31
CA ARG B 160 15.62 2.58 2.99
C ARG B 160 15.25 2.33 1.55
N LEU B 161 15.17 3.36 0.73
CA LEU B 161 14.83 3.09 -0.66
C LEU B 161 16.03 2.34 -1.31
N PRO B 162 15.76 1.59 -2.39
CA PRO B 162 16.80 0.84 -3.08
C PRO B 162 17.62 1.69 -4.07
N PHE B 163 18.31 2.68 -3.52
CA PHE B 163 19.24 3.51 -4.22
C PHE B 163 20.44 3.57 -3.31
N LYS B 164 21.58 4.03 -3.83
CA LYS B 164 22.77 4.23 -2.99
C LYS B 164 22.44 5.22 -1.90
N LEU B 165 23.14 5.10 -0.78
CA LEU B 165 22.97 6.03 0.33
C LEU B 165 23.17 7.47 -0.15
N GLU B 166 24.20 7.69 -0.97
CA GLU B 166 24.63 9.02 -1.40
C GLU B 166 23.56 9.65 -2.32
N THR B 167 23.02 8.85 -3.24
CA THR B 167 21.89 9.30 -4.02
C THR B 167 20.77 9.83 -3.10
N GLN B 168 20.47 9.09 -2.03
CA GLN B 168 19.36 9.43 -1.14
C GLN B 168 19.66 10.69 -0.34
N GLU B 169 20.90 10.80 0.16
CA GLU B 169 21.28 12.04 0.84
C GLU B 169 21.24 13.25 -0.14
N GLU B 170 21.67 13.06 -1.39
CA GLU B 170 21.70 14.17 -2.36
C GLU B 170 20.27 14.70 -2.54
N VAL B 171 19.29 13.79 -2.60
CA VAL B 171 17.93 14.21 -2.84
C VAL B 171 17.34 14.85 -1.61
N LYS B 172 17.56 14.27 -0.44
CA LYS B 172 17.03 14.80 0.79
C LYS B 172 17.47 16.22 1.01
N LYS B 173 18.70 16.52 0.62
CA LYS B 173 19.24 17.85 0.79
C LYS B 173 18.45 18.87 -0.07
N MET B 174 17.83 18.37 -1.15
CA MET B 174 17.03 19.20 -2.04
C MET B 174 15.73 19.62 -1.42
N LEU B 175 15.38 19.00 -0.30
CA LEU B 175 13.98 18.97 0.13
C LEU B 175 13.70 19.80 1.39
N LEU B 176 14.73 20.46 1.92
CA LEU B 176 14.60 21.24 3.12
C LEU B 176 13.83 22.51 2.84
N ILE B 177 12.68 22.68 3.48
CA ILE B 177 11.85 23.84 3.21
C ILE B 177 11.62 24.75 4.42
N LYS B 178 11.90 24.27 5.63
CA LYS B 178 11.65 25.08 6.81
C LYS B 178 12.44 24.65 8.03
N GLU B 179 12.83 25.62 8.84
CA GLU B 179 13.39 25.34 10.16
C GLU B 179 12.57 26.07 11.20
N VAL B 180 12.13 25.32 12.18
CA VAL B 180 11.28 25.86 13.22
C VAL B 180 11.86 25.45 14.55
N ASN B 181 12.35 26.41 15.28
CA ASN B 181 13.03 26.13 16.54
C ASN B 181 13.82 24.84 16.77
N GLY B 182 14.82 24.57 15.95
CA GLY B 182 15.56 23.33 16.08
C GLY B 182 15.06 22.14 15.27
N SER B 183 13.85 22.20 14.76
CA SER B 183 13.31 21.16 13.92
C SER B 183 13.46 21.49 12.46
N LYS B 184 13.73 20.49 11.65
CA LYS B 184 13.85 20.70 10.22
C LYS B 184 12.73 20.03 9.47
N ILE B 185 12.02 20.77 8.61
CA ILE B 185 10.99 20.15 7.77
C ILE B 185 11.53 19.91 6.34
N TYR B 186 11.56 18.66 5.93
CA TYR B 186 11.87 18.29 4.55
C TYR B 186 10.60 17.84 3.86
N ALA B 187 10.29 18.39 2.70
CA ALA B 187 9.07 17.95 2.04
C ALA B 187 9.08 18.36 0.58
N LYS B 188 8.15 17.72 -0.18
CA LYS B 188 7.82 18.12 -1.53
C LYS B 188 6.31 18.37 -1.68
N SER B 189 5.98 19.52 -2.28
CA SER B 189 4.62 19.92 -2.57
C SER B 189 4.18 19.38 -3.91
N GLY B 190 2.88 19.38 -4.09
CA GLY B 190 2.28 18.79 -5.27
C GLY B 190 1.00 19.51 -5.54
N TRP B 191 0.72 19.75 -6.81
CA TRP B 191 -0.54 20.39 -7.19
C TRP B 191 -0.94 19.92 -8.59
N GLY B 192 -1.80 18.91 -8.68
CA GLY B 192 -2.24 18.40 -9.98
C GLY B 192 -3.38 19.23 -10.51
N MET B 193 -3.10 20.18 -11.41
CA MET B 193 -4.17 21.04 -11.95
C MET B 193 -4.91 20.46 -13.14
N GLY B 194 -4.25 19.65 -13.94
CA GLY B 194 -4.98 18.90 -14.95
C GLY B 194 -5.46 17.52 -14.49
N VAL B 195 -6.26 17.48 -13.43
CA VAL B 195 -7.12 16.32 -13.08
C VAL B 195 -8.33 16.96 -12.44
N THR B 196 -9.48 16.33 -12.53
CA THR B 196 -10.67 16.90 -11.90
C THR B 196 -11.22 15.90 -10.90
N PRO B 197 -11.41 16.31 -9.63
CA PRO B 197 -10.98 17.58 -9.04
C PRO B 197 -9.45 17.62 -8.89
N GLN B 198 -8.90 18.79 -8.61
CA GLN B 198 -7.46 18.95 -8.42
C GLN B 198 -7.00 18.38 -7.09
N VAL B 199 -5.75 17.88 -7.05
CA VAL B 199 -5.20 17.32 -5.82
C VAL B 199 -4.01 18.18 -5.37
N GLY B 200 -3.85 18.36 -4.07
CA GLY B 200 -2.73 19.08 -3.47
C GLY B 200 -2.01 18.10 -2.52
N TRP B 201 -0.69 18.12 -2.55
CA TRP B 201 0.11 17.26 -1.73
C TRP B 201 1.14 18.11 -1.00
N LEU B 202 1.52 17.63 0.17
CA LEU B 202 2.77 18.06 0.78
C LEU B 202 3.24 16.83 1.52
N THR B 203 4.30 16.20 1.02
CA THR B 203 4.78 14.97 1.60
C THR B 203 6.24 15.13 2.03
N GLY B 204 6.58 14.64 3.22
CA GLY B 204 7.91 14.83 3.76
C GLY B 204 8.12 14.26 5.16
N TRP B 205 8.97 14.92 5.93
CA TRP B 205 9.17 14.55 7.32
C TRP B 205 9.73 15.70 8.12
N VAL B 206 9.52 15.61 9.43
CA VAL B 206 10.15 16.53 10.33
C VAL B 206 11.35 15.78 10.92
N GLU B 207 12.52 16.41 10.90
CA GLU B 207 13.67 15.89 11.62
C GLU B 207 13.80 16.75 12.89
N GLN B 208 13.57 16.16 14.04
CA GLN B 208 13.63 16.88 15.29
C GLN B 208 15.08 16.94 15.75
N ALA B 209 15.37 17.93 16.60
CA ALA B 209 16.70 18.20 17.17
C ALA B 209 17.45 16.96 17.65
N ASN B 210 16.76 16.08 18.36
CA ASN B 210 17.35 14.85 18.88
C ASN B 210 17.62 13.79 17.81
N GLY B 211 17.42 14.14 16.54
CA GLY B 211 17.59 13.18 15.44
C GLY B 211 16.38 12.32 15.05
N LYS B 212 15.31 12.35 15.85
CA LYS B 212 14.07 11.64 15.47
C LYS B 212 13.41 12.19 14.20
N LYS B 213 12.86 11.29 13.37
CA LYS B 213 12.25 11.65 12.09
C LYS B 213 10.76 11.26 12.08
N ILE B 214 9.87 12.21 11.80
CA ILE B 214 8.43 11.98 11.82
C ILE B 214 7.84 12.23 10.42
N PRO B 215 7.67 11.18 9.62
CA PRO B 215 7.07 11.45 8.29
C PRO B 215 5.57 11.84 8.30
N PHE B 216 5.16 12.57 7.26
CA PHE B 216 3.78 13.02 7.09
C PHE B 216 3.42 13.09 5.57
N SER B 217 2.14 13.10 5.29
CA SER B 217 1.68 13.36 3.94
C SER B 217 0.36 14.02 4.07
N LEU B 218 0.24 15.19 3.47
CA LEU B 218 -0.97 15.93 3.49
C LEU B 218 -1.54 15.75 2.10
N ASN B 219 -2.83 15.51 1.99
CA ASN B 219 -3.44 15.36 0.69
C ASN B 219 -4.81 16.01 0.74
N LEU B 220 -5.07 17.00 -0.13
CA LEU B 220 -6.33 17.69 -0.14
C LEU B 220 -6.82 18.03 -1.54
N GLU B 221 -8.03 18.56 -1.60
CA GLU B 221 -8.59 19.02 -2.85
C GLU B 221 -8.27 20.51 -3.03
N MET B 222 -7.50 20.86 -4.05
CA MET B 222 -7.29 22.30 -4.38
C MET B 222 -8.51 22.80 -5.17
N LYS B 223 -8.87 24.06 -4.96
CA LYS B 223 -10.00 24.70 -5.64
C LYS B 223 -9.55 25.99 -6.28
N GLU B 224 -10.40 26.50 -7.18
CA GLU B 224 -10.17 27.75 -7.93
C GLU B 224 -9.80 28.93 -7.02
N GLY B 225 -8.71 29.61 -7.38
CA GLY B 225 -8.17 30.71 -6.56
C GLY B 225 -8.08 30.30 -5.10
N MET B 226 -7.32 29.22 -4.86
CA MET B 226 -6.89 28.79 -3.52
C MET B 226 -5.39 28.98 -3.65
N SER B 227 -4.74 29.59 -2.66
CA SER B 227 -3.27 29.74 -2.73
C SER B 227 -2.53 28.43 -2.35
N GLY B 228 -1.44 28.12 -3.06
CA GLY B 228 -0.70 26.87 -2.84
C GLY B 228 -0.14 26.76 -1.43
N SER B 229 0.07 27.91 -0.82
CA SER B 229 0.62 27.94 0.50
C SER B 229 -0.35 27.43 1.61
N ILE B 230 -1.65 27.19 1.31
CA ILE B 230 -2.46 26.53 2.36
C ILE B 230 -1.94 25.14 2.70
N ARG B 231 -1.27 24.48 1.74
CA ARG B 231 -0.81 23.12 1.95
C ARG B 231 0.23 23.14 3.09
N ASN B 232 1.07 24.16 3.06
CA ASN B 232 2.06 24.42 4.08
C ASN B 232 1.44 24.86 5.40
N GLU B 233 0.52 25.81 5.31
CA GLU B 233 -0.10 26.38 6.50
C GLU B 233 -0.78 25.29 7.31
N ILE B 234 -1.55 24.44 6.64
CA ILE B 234 -2.32 23.41 7.33
C ILE B 234 -1.35 22.42 7.93
N THR B 235 -0.33 22.06 7.17
CA THR B 235 0.65 21.10 7.63
C THR B 235 1.35 21.62 8.89
N TYR B 236 1.82 22.85 8.84
CA TYR B 236 2.55 23.43 9.99
C TYR B 236 1.66 23.54 11.23
N LYS B 237 0.45 24.05 11.04
CA LYS B 237 -0.49 24.10 12.17
C LYS B 237 -0.79 22.70 12.76
N SER B 238 -0.82 21.66 11.92
CA SER B 238 -1.16 20.32 12.40
C SER B 238 0.02 19.74 13.16
N LEU B 239 1.21 19.88 12.59
CA LEU B 239 2.41 19.42 13.25
C LEU B 239 2.63 20.16 14.57
N GLU B 240 2.35 21.46 14.59
CA GLU B 240 2.48 22.24 15.84
C GLU B 240 1.41 21.80 16.89
N ASN B 241 0.16 21.69 16.45
CA ASN B 241 -0.89 21.19 17.35
C ASN B 241 -0.52 19.86 17.98
N LEU B 242 0.14 18.99 17.24
CA LEU B 242 0.53 17.69 17.77
C LEU B 242 1.81 17.73 18.60
N GLY B 243 2.47 18.90 18.67
CA GLY B 243 3.74 19.02 19.38
C GLY B 243 4.89 18.37 18.62
N ILE B 244 4.71 18.08 17.33
CA ILE B 244 5.81 17.52 16.55
C ILE B 244 6.83 18.62 16.19
N ILE B 245 6.35 19.84 16.03
CA ILE B 245 7.23 20.99 15.87
C ILE B 245 6.82 22.07 16.87
#